data_3H35
#
_entry.id   3H35
#
_cell.length_a   82.967
_cell.length_b   82.967
_cell.length_c   131.485
_cell.angle_alpha   90.000
_cell.angle_beta   90.000
_cell.angle_gamma   120.000
#
_symmetry.space_group_name_H-M   'P 32 2 1'
#
loop_
_entity.id
_entity.type
_entity.pdbx_description
1 polymer 'uncharacterized protein ABO_0056'
2 non-polymer 1,2-ETHANEDIOL
3 non-polymer 'S,R MESO-TARTARIC ACID'
4 water water
#
_entity_poly.entity_id   1
_entity_poly.type   'polypeptide(L)'
_entity_poly.pdbx_seq_one_letter_code
;GS(MSE)LHGLKQRLEALHHPGELEGSPQNLHQLLGVSIEQSVPQAQT(MSE)LVERHLASLTGDEARLLAALSDGSAFA
LLTLYSGSRFSRGEVLYRYSNAGRAAGIQCNDFIALYLNHLFAQGLVIASDFTESLRTDYELCEGDSDFRKAQAELQIHL
PKLSIRRETLRISPLGRQLWTL(MSE)TTPADIEEGH
;
_entity_poly.pdbx_strand_id   A,B,C
#
# COMPACT_ATOMS: atom_id res chain seq x y z
N VAL A 33 35.01 -14.69 14.37
CA VAL A 33 33.95 -13.98 15.17
C VAL A 33 34.13 -12.45 15.12
N SER A 34 33.04 -11.73 14.92
CA SER A 34 33.11 -10.28 14.76
C SER A 34 31.85 -9.60 15.26
N ILE A 35 31.82 -9.29 16.56
CA ILE A 35 30.59 -8.85 17.20
C ILE A 35 30.72 -7.50 17.97
N GLU A 36 31.83 -6.77 17.77
CA GLU A 36 32.07 -5.51 18.49
C GLU A 36 30.97 -4.50 18.25
N GLN A 37 30.62 -4.35 16.99
CA GLN A 37 29.48 -3.56 16.62
C GLN A 37 28.29 -4.50 16.63
N SER A 38 27.19 -4.07 17.22
CA SER A 38 26.08 -4.98 17.47
C SER A 38 25.04 -4.97 16.33
N VAL A 39 24.59 -6.16 15.91
CA VAL A 39 23.49 -6.23 14.95
C VAL A 39 22.22 -5.85 15.72
N PRO A 40 21.40 -4.96 15.17
CA PRO A 40 20.30 -4.49 16.02
C PRO A 40 19.17 -5.53 16.21
N GLN A 41 18.58 -5.52 17.40
CA GLN A 41 17.39 -6.29 17.71
C GLN A 41 16.26 -5.99 16.68
N ALA A 42 15.37 -6.96 16.50
CA ALA A 42 14.16 -6.79 15.64
C ALA A 42 13.41 -5.49 15.99
N GLN A 43 13.20 -5.29 17.28
CA GLN A 43 12.51 -4.11 17.79
C GLN A 43 13.11 -2.83 17.24
N THR A 44 14.43 -2.77 17.28
CA THR A 44 15.16 -1.60 16.87
C THR A 44 15.01 -1.43 15.37
N LEU A 46 12.57 -2.46 13.57
CA LEU A 46 11.18 -2.11 13.28
C LEU A 46 10.97 -0.61 13.46
N VAL A 47 11.46 -0.07 14.57
CA VAL A 47 11.25 1.35 14.81
C VAL A 47 12.12 2.20 13.86
N GLU A 48 13.35 1.76 13.55
CA GLU A 48 14.12 2.52 12.56
C GLU A 48 13.41 2.61 11.22
N ARG A 49 12.96 1.45 10.77
CA ARG A 49 12.42 1.28 9.45
C ARG A 49 11.06 2.01 9.29
N HIS A 50 10.22 1.99 10.31
CA HIS A 50 8.90 2.55 10.17
C HIS A 50 8.71 3.91 10.82
N LEU A 51 9.50 4.26 11.84
CA LEU A 51 9.28 5.54 12.55
C LEU A 51 10.45 6.50 12.28
N ALA A 52 11.70 6.04 12.38
CA ALA A 52 12.83 6.94 12.20
C ALA A 52 12.88 7.38 10.74
N SER A 53 12.35 6.54 9.84
CA SER A 53 12.32 6.89 8.41
C SER A 53 11.22 7.91 8.05
N LEU A 54 10.29 8.19 8.95
CA LEU A 54 9.29 9.21 8.71
C LEU A 54 9.96 10.58 8.54
N THR A 55 9.41 11.47 7.71
CA THR A 55 9.89 12.84 7.73
C THR A 55 9.37 13.48 9.05
N GLY A 56 10.00 14.59 9.46
CA GLY A 56 9.59 15.29 10.70
C GLY A 56 8.06 15.58 10.70
N ASP A 57 7.53 16.04 9.57
CA ASP A 57 6.11 16.35 9.49
C ASP A 57 5.29 15.09 9.73
N GLU A 58 5.64 13.99 9.08
CA GLU A 58 4.94 12.71 9.27
C GLU A 58 5.00 12.25 10.73
N ALA A 59 6.15 12.43 11.36
CA ALA A 59 6.39 12.02 12.72
C ALA A 59 5.52 12.89 13.67
N ARG A 60 5.44 14.20 13.36
CA ARG A 60 4.62 15.10 14.15
C ARG A 60 3.12 14.74 14.05
N LEU A 61 2.68 14.33 12.84
CA LEU A 61 1.31 13.82 12.66
C LEU A 61 1.07 12.55 13.48
N LEU A 62 1.98 11.60 13.42
CA LEU A 62 1.83 10.38 14.21
C LEU A 62 1.81 10.70 15.70
N ALA A 63 2.71 11.58 16.14
CA ALA A 63 2.72 12.02 17.53
C ALA A 63 1.35 12.56 17.95
N ALA A 64 0.76 13.38 17.10
CA ALA A 64 -0.52 14.01 17.44
C ALA A 64 -1.60 12.92 17.55
N LEU A 65 -1.45 11.83 16.79
CA LEU A 65 -2.39 10.73 16.88
C LEU A 65 -2.14 9.74 18.03
N SER A 66 -0.95 9.81 18.61
CA SER A 66 -0.52 8.73 19.50
C SER A 66 -1.30 8.62 20.80
N ASP A 67 -1.93 9.69 21.27
CA ASP A 67 -2.72 9.61 22.52
C ASP A 67 -4.19 9.25 22.23
N GLY A 68 -4.50 8.83 21.01
CA GLY A 68 -5.86 8.47 20.66
C GLY A 68 -6.68 9.60 20.03
N SER A 69 -6.12 10.80 19.91
CA SER A 69 -6.85 11.90 19.28
C SER A 69 -7.28 11.58 17.86
N ALA A 70 -8.50 12.01 17.52
CA ALA A 70 -9.11 11.73 16.24
C ALA A 70 -9.22 13.04 15.45
N PHE A 71 -8.92 13.01 14.15
CA PHE A 71 -9.04 14.21 13.32
C PHE A 71 -9.96 14.02 12.13
N ALA A 72 -10.45 15.12 11.57
CA ALA A 72 -11.28 15.08 10.38
C ALA A 72 -10.46 14.58 9.20
N LEU A 73 -11.06 13.71 8.40
CA LEU A 73 -10.45 13.15 7.23
C LEU A 73 -11.42 13.23 6.09
N LEU A 74 -10.99 13.78 4.98
CA LEU A 74 -11.79 13.69 3.75
C LEU A 74 -11.13 12.67 2.87
N THR A 75 -11.91 11.72 2.40
CA THR A 75 -11.42 10.70 1.51
C THR A 75 -12.12 10.80 0.17
N LEU A 76 -11.34 10.84 -0.91
CA LEU A 76 -11.86 10.80 -2.25
C LEU A 76 -11.81 9.38 -2.72
N TYR A 77 -13.01 8.90 -3.05
CA TYR A 77 -13.25 7.58 -3.57
C TYR A 77 -13.59 7.64 -5.03
N SER A 78 -13.15 6.62 -5.76
CA SER A 78 -13.26 6.59 -7.19
C SER A 78 -14.69 6.53 -7.66
N GLY A 79 -15.56 5.97 -6.85
CA GLY A 79 -16.97 5.86 -7.19
C GLY A 79 -17.83 6.71 -6.27
N SER A 80 -19.13 6.66 -6.53
CA SER A 80 -20.14 7.39 -5.77
C SER A 80 -20.42 6.71 -4.45
N ARG A 81 -21.17 7.41 -3.60
CA ARG A 81 -21.56 6.90 -2.31
C ARG A 81 -22.45 5.65 -2.37
N PHE A 82 -22.93 5.28 -3.54
CA PHE A 82 -23.63 4.02 -3.65
C PHE A 82 -22.75 2.95 -4.30
N SER A 83 -21.49 3.26 -4.58
CA SER A 83 -20.52 2.23 -4.95
C SER A 83 -19.10 2.76 -4.90
N ARG A 84 -18.57 2.91 -3.70
CA ARG A 84 -17.39 3.77 -3.47
C ARG A 84 -16.14 3.45 -4.29
N GLY A 85 -15.93 2.17 -4.62
CA GLY A 85 -14.69 1.74 -5.25
C GLY A 85 -13.48 1.97 -4.37
N GLU A 86 -12.41 2.52 -4.92
N GLU A 86 -12.43 2.53 -4.95
CA GLU A 86 -11.15 2.62 -4.19
CA GLU A 86 -11.11 2.66 -4.30
C GLU A 86 -10.80 4.02 -3.69
C GLU A 86 -10.85 4.03 -3.67
N VAL A 87 -9.98 4.05 -2.65
CA VAL A 87 -9.50 5.31 -2.06
C VAL A 87 -8.46 5.96 -2.99
N LEU A 88 -8.65 7.21 -3.38
CA LEU A 88 -7.71 7.86 -4.27
C LEU A 88 -6.84 8.90 -3.62
N TYR A 89 -7.31 9.57 -2.56
CA TYR A 89 -6.70 10.77 -2.08
C TYR A 89 -7.28 11.03 -0.72
N ARG A 90 -6.46 11.53 0.18
CA ARG A 90 -6.90 11.83 1.52
C ARG A 90 -6.37 13.16 1.97
N TYR A 91 -7.19 13.89 2.73
CA TYR A 91 -6.88 15.23 3.17
C TYR A 91 -7.33 15.41 4.60
N SER A 92 -6.60 16.22 5.35
CA SER A 92 -7.00 16.49 6.72
C SER A 92 -6.43 17.81 7.10
N ASN A 93 -7.01 18.43 8.14
CA ASN A 93 -6.40 19.62 8.76
C ASN A 93 -5.63 19.30 10.03
N ALA A 94 -5.41 18.01 10.30
CA ALA A 94 -4.66 17.57 11.49
C ALA A 94 -3.25 18.18 11.50
N GLY A 95 -2.70 18.49 10.34
CA GLY A 95 -1.38 19.14 10.26
C GLY A 95 -1.27 20.42 11.05
N ARG A 96 -2.37 21.16 11.13
CA ARG A 96 -2.37 22.44 11.81
C ARG A 96 -2.12 22.23 13.30
N ALA A 97 -2.91 21.38 13.95
CA ALA A 97 -2.69 21.15 15.37
C ALA A 97 -1.40 20.43 15.58
N ALA A 98 -0.96 19.62 14.61
CA ALA A 98 0.26 18.84 14.78
C ALA A 98 1.54 19.67 14.64
N GLY A 99 1.40 20.89 14.11
CA GLY A 99 2.55 21.78 13.89
C GLY A 99 3.43 21.39 12.71
N ILE A 100 2.90 20.74 11.70
CA ILE A 100 3.75 20.40 10.56
C ILE A 100 4.26 21.65 9.81
N GLN A 101 5.47 21.56 9.30
CA GLN A 101 6.07 22.66 8.54
C GLN A 101 5.33 22.94 7.24
N CYS A 102 5.10 21.90 6.42
CA CYS A 102 4.55 22.10 5.10
C CYS A 102 3.20 21.44 4.97
N ASN A 103 2.16 22.22 5.23
CA ASN A 103 0.83 21.71 5.20
C ASN A 103 0.40 21.38 3.77
N ASP A 104 1.12 21.95 2.80
CA ASP A 104 0.88 21.65 1.38
C ASP A 104 1.07 20.16 1.04
N PHE A 105 1.85 19.43 1.85
CA PHE A 105 2.12 18.02 1.61
C PHE A 105 1.23 17.06 2.42
N ILE A 106 0.16 17.57 3.03
CA ILE A 106 -0.62 16.73 3.92
C ILE A 106 -1.14 15.44 3.19
N ALA A 107 -1.62 15.59 1.96
CA ALA A 107 -2.10 14.43 1.22
C ALA A 107 -0.98 13.40 0.96
N LEU A 108 0.21 13.87 0.61
CA LEU A 108 1.37 12.99 0.49
C LEU A 108 1.70 12.29 1.79
N TYR A 109 1.66 13.05 2.88
CA TYR A 109 1.96 12.50 4.19
C TYR A 109 0.97 11.43 4.55
N LEU A 110 -0.32 11.71 4.34
CA LEU A 110 -1.34 10.72 4.68
C LEU A 110 -1.24 9.47 3.81
N ASN A 111 -0.89 9.64 2.53
CA ASN A 111 -0.70 8.46 1.68
C ASN A 111 0.37 7.54 2.27
N HIS A 112 1.48 8.13 2.73
CA HIS A 112 2.54 7.35 3.36
C HIS A 112 2.12 6.71 4.69
N LEU A 113 1.50 7.47 5.61
CA LEU A 113 1.07 6.92 6.90
C LEU A 113 0.09 5.76 6.70
N PHE A 114 -0.83 5.91 5.77
CA PHE A 114 -1.76 4.80 5.40
C PHE A 114 -1.02 3.65 4.75
N ALA A 115 -0.10 3.94 3.82
CA ALA A 115 0.55 2.84 3.07
C ALA A 115 1.36 2.01 4.06
N GLN A 116 1.88 2.69 5.08
CA GLN A 116 2.71 2.05 6.11
C GLN A 116 1.88 1.35 7.24
N GLY A 117 0.56 1.48 7.20
CA GLY A 117 -0.31 0.80 8.15
C GLY A 117 -0.31 1.46 9.52
N LEU A 118 0.10 2.74 9.58
CA LEU A 118 0.31 3.42 10.83
C LEU A 118 -0.95 4.11 11.36
N VAL A 119 -1.91 4.37 10.47
CA VAL A 119 -3.16 5.04 10.80
C VAL A 119 -4.33 4.28 10.16
N ILE A 120 -5.55 4.56 10.61
CA ILE A 120 -6.75 3.99 10.03
C ILE A 120 -7.76 5.09 9.81
N ALA A 121 -8.77 4.81 8.96
CA ALA A 121 -9.90 5.68 8.75
C ALA A 121 -11.14 5.03 9.34
N SER A 122 -11.95 5.76 10.07
CA SER A 122 -13.24 5.24 10.52
C SER A 122 -14.29 6.23 10.12
N ASP A 123 -15.52 5.96 10.52
CA ASP A 123 -16.64 6.79 10.07
C ASP A 123 -16.63 8.20 10.60
N PHE A 124 -17.41 9.00 9.89
CA PHE A 124 -17.70 10.37 10.21
C PHE A 124 -17.84 10.57 11.71
N THR A 125 -17.27 11.65 12.23
CA THR A 125 -17.51 12.04 13.63
C THR A 125 -18.25 13.37 13.69
N GLU A 126 -19.45 13.35 14.26
CA GLU A 126 -20.34 14.51 14.25
C GLU A 126 -19.67 15.75 14.83
N SER A 127 -18.85 15.56 15.86
CA SER A 127 -18.20 16.68 16.55
C SER A 127 -17.11 17.35 15.71
N LEU A 128 -16.61 16.66 14.69
CA LEU A 128 -15.65 17.27 13.79
C LEU A 128 -16.29 18.06 12.61
N ARG A 129 -17.62 18.27 12.64
CA ARG A 129 -18.32 18.90 11.51
C ARG A 129 -17.62 20.19 10.98
N THR A 130 -17.30 21.09 11.91
CA THR A 130 -16.63 22.33 11.55
C THR A 130 -15.33 22.06 10.80
N ASP A 131 -14.53 21.10 11.31
CA ASP A 131 -13.29 20.73 10.64
C ASP A 131 -13.46 20.19 9.22
N TYR A 132 -14.46 19.34 9.01
CA TYR A 132 -14.73 18.88 7.66
C TYR A 132 -15.00 20.07 6.73
N GLU A 133 -15.79 21.04 7.22
CA GLU A 133 -16.15 22.23 6.47
C GLU A 133 -14.93 23.04 6.14
N LEU A 134 -14.07 23.28 7.12
CA LEU A 134 -12.77 23.91 6.84
C LEU A 134 -11.97 23.13 5.80
N CYS A 135 -11.91 21.79 5.92
CA CYS A 135 -11.17 21.02 4.94
C CYS A 135 -11.78 21.10 3.55
N GLU A 136 -13.10 21.00 3.48
CA GLU A 136 -13.77 21.00 2.19
C GLU A 136 -13.57 22.38 1.50
N GLY A 137 -13.35 23.42 2.29
CA GLY A 137 -13.15 24.72 1.71
C GLY A 137 -11.72 24.95 1.25
N ASP A 138 -10.79 24.09 1.62
CA ASP A 138 -9.43 24.33 1.25
C ASP A 138 -9.20 24.30 -0.27
N SER A 139 -8.47 25.28 -0.77
CA SER A 139 -8.27 25.41 -2.21
C SER A 139 -7.41 24.28 -2.82
N ASP A 140 -6.44 23.76 -2.08
CA ASP A 140 -5.58 22.68 -2.57
C ASP A 140 -6.35 21.39 -2.68
N PHE A 141 -7.13 21.07 -1.66
CA PHE A 141 -8.00 19.93 -1.72
C PHE A 141 -8.93 20.03 -2.94
N ARG A 142 -9.51 21.22 -3.14
CA ARG A 142 -10.48 21.41 -4.20
C ARG A 142 -9.82 21.22 -5.54
N LYS A 143 -8.59 21.71 -5.65
CA LYS A 143 -7.80 21.50 -6.85
C LYS A 143 -7.56 20.00 -7.15
N ALA A 144 -7.18 19.25 -6.12
CA ALA A 144 -6.92 17.81 -6.26
C ALA A 144 -8.22 17.09 -6.69
N GLN A 145 -9.30 17.45 -6.03
CA GLN A 145 -10.59 16.88 -6.35
C GLN A 145 -10.98 17.14 -7.82
N ALA A 146 -10.81 18.38 -8.28
CA ALA A 146 -11.13 18.73 -9.62
C ALA A 146 -10.24 17.96 -10.60
N GLU A 147 -8.95 17.79 -10.32
CA GLU A 147 -8.10 17.02 -11.22
C GLU A 147 -8.59 15.58 -11.36
N LEU A 148 -8.93 14.99 -10.22
CA LEU A 148 -9.40 13.60 -10.20
C LEU A 148 -10.76 13.44 -10.87
N GLN A 149 -11.64 14.43 -10.74
CA GLN A 149 -12.96 14.30 -11.39
C GLN A 149 -12.89 14.25 -12.90
N ILE A 150 -11.90 14.87 -13.53
CA ILE A 150 -11.80 14.80 -14.99
C ILE A 150 -11.95 13.37 -15.52
N HIS A 151 -11.25 12.42 -14.90
CA HIS A 151 -11.24 11.06 -15.38
C HIS A 151 -12.04 10.05 -14.55
N LEU A 152 -12.39 10.44 -13.32
CA LEU A 152 -13.23 9.63 -12.43
C LEU A 152 -14.51 10.42 -12.12
N PRO A 153 -15.46 10.40 -13.05
CA PRO A 153 -16.55 11.36 -12.98
C PRO A 153 -17.47 11.15 -11.79
N LYS A 154 -17.52 9.93 -11.26
CA LYS A 154 -18.36 9.62 -10.10
C LYS A 154 -17.65 9.84 -8.73
N LEU A 155 -16.40 10.29 -8.77
CA LEU A 155 -15.58 10.56 -7.58
C LEU A 155 -16.43 11.17 -6.48
N SER A 156 -16.30 10.66 -5.27
CA SER A 156 -17.03 11.25 -4.16
C SER A 156 -16.14 11.53 -2.96
N ILE A 157 -16.54 12.57 -2.23
CA ILE A 157 -15.95 12.88 -0.94
C ILE A 157 -16.68 12.08 0.10
N ARG A 158 -15.93 11.44 0.97
CA ARG A 158 -16.49 10.85 2.14
C ARG A 158 -15.81 11.39 3.37
N ARG A 159 -16.62 11.87 4.30
CA ARG A 159 -16.14 12.36 5.56
C ARG A 159 -15.85 11.19 6.50
N GLU A 160 -14.61 11.13 6.95
CA GLU A 160 -14.15 10.05 7.81
C GLU A 160 -13.34 10.63 8.98
N THR A 161 -12.83 9.74 9.83
CA THR A 161 -12.07 10.12 10.98
C THR A 161 -10.71 9.42 11.00
N LEU A 162 -9.65 10.21 11.17
CA LEU A 162 -8.28 9.70 11.16
C LEU A 162 -7.89 9.33 12.56
N ARG A 163 -7.34 8.14 12.74
CA ARG A 163 -6.80 7.69 14.02
C ARG A 163 -5.54 6.86 13.83
N ILE A 164 -4.77 6.70 14.90
CA ILE A 164 -3.66 5.77 14.93
C ILE A 164 -4.18 4.34 14.84
N SER A 165 -3.45 3.50 14.12
CA SER A 165 -3.79 2.07 14.00
C SER A 165 -3.13 1.29 15.14
N PRO A 166 -3.58 0.05 15.37
CA PRO A 166 -2.92 -0.89 16.31
C PRO A 166 -1.43 -1.05 16.02
N LEU A 167 -1.07 -1.07 14.74
CA LEU A 167 0.32 -1.23 14.38
C LEU A 167 1.09 0.04 14.73
N GLY A 168 0.50 1.19 14.45
CA GLY A 168 1.16 2.44 14.81
C GLY A 168 1.34 2.55 16.33
N ARG A 169 0.34 2.07 17.05
CA ARG A 169 0.41 2.14 18.50
C ARG A 169 1.48 1.19 19.00
N GLN A 170 1.55 -0.01 18.40
CA GLN A 170 2.54 -0.99 18.82
C GLN A 170 3.92 -0.45 18.56
N LEU A 171 4.12 0.15 17.38
CA LEU A 171 5.44 0.74 17.05
C LEU A 171 5.81 1.92 17.99
N TRP A 172 4.83 2.78 18.23
CA TRP A 172 5.03 3.91 19.13
C TRP A 172 5.48 3.42 20.48
N THR A 173 4.78 2.43 21.02
CA THR A 173 5.16 1.85 22.30
C THR A 173 6.56 1.22 22.33
N LEU A 174 6.93 0.52 21.26
CA LEU A 174 8.31 0.03 21.15
C LEU A 174 9.31 1.17 21.18
N THR A 176 8.96 4.23 22.52
CA THR A 176 9.00 4.94 23.79
C THR A 176 9.49 3.95 24.84
N SER B 38 15.36 29.86 -0.64
CA SER B 38 15.67 28.77 0.32
C SER B 38 14.55 27.74 0.37
N VAL B 39 14.88 26.46 0.17
CA VAL B 39 13.87 25.41 0.24
C VAL B 39 13.61 25.03 1.70
N PRO B 40 12.31 24.92 2.09
CA PRO B 40 11.98 24.42 3.43
C PRO B 40 12.53 23.04 3.70
N GLN B 41 13.01 22.88 4.91
CA GLN B 41 13.45 21.63 5.43
C GLN B 41 12.55 20.46 5.07
N ALA B 42 11.25 20.61 5.34
CA ALA B 42 10.31 19.52 5.14
C ALA B 42 10.33 19.07 3.69
N GLN B 43 10.53 20.02 2.80
CA GLN B 43 10.54 19.74 1.37
C GLN B 43 11.77 18.96 0.99
N THR B 44 12.91 19.39 1.51
CA THR B 44 14.15 18.65 1.31
C THR B 44 14.03 17.21 1.77
N LEU B 46 11.46 15.31 2.07
CA LEU B 46 10.55 14.56 1.23
C LEU B 46 11.26 14.26 -0.08
N VAL B 47 11.86 15.28 -0.69
CA VAL B 47 12.55 15.09 -1.95
C VAL B 47 13.70 14.08 -1.82
N GLU B 48 14.48 14.17 -0.74
CA GLU B 48 15.58 13.22 -0.55
C GLU B 48 15.09 11.77 -0.44
N ARG B 49 13.96 11.55 0.24
CA ARG B 49 13.42 10.19 0.36
C ARG B 49 13.32 9.56 -1.05
N HIS B 50 12.79 10.34 -1.97
CA HIS B 50 12.45 9.85 -3.28
C HIS B 50 13.68 9.78 -4.17
N LEU B 51 14.59 10.73 -4.02
CA LEU B 51 15.82 10.68 -4.77
C LEU B 51 16.58 9.42 -4.43
N ALA B 52 16.50 8.94 -3.20
CA ALA B 52 17.16 7.67 -2.79
C ALA B 52 16.44 6.39 -3.24
N SER B 53 15.17 6.47 -3.62
CA SER B 53 14.40 5.26 -3.93
C SER B 53 13.76 5.19 -5.32
N LEU B 54 13.68 6.30 -6.03
CA LEU B 54 13.04 6.35 -7.35
C LEU B 54 14.03 6.02 -8.47
N THR B 55 13.79 4.96 -9.25
CA THR B 55 14.70 4.65 -10.36
C THR B 55 14.57 5.68 -11.50
N GLY B 56 15.64 5.79 -12.31
CA GLY B 56 15.60 6.54 -13.57
C GLY B 56 14.33 6.24 -14.36
N ASP B 57 14.03 4.95 -14.51
CA ASP B 57 12.89 4.55 -15.30
C ASP B 57 11.58 5.08 -14.72
N GLU B 58 11.46 5.05 -13.39
CA GLU B 58 10.24 5.53 -12.73
C GLU B 58 10.14 7.02 -12.86
N ALA B 59 11.27 7.70 -12.73
CA ALA B 59 11.32 9.11 -12.95
C ALA B 59 10.85 9.43 -14.38
N ARG B 60 11.34 8.70 -15.36
CA ARG B 60 10.94 8.95 -16.75
C ARG B 60 9.46 8.64 -16.94
N LEU B 61 8.97 7.60 -16.29
CA LEU B 61 7.57 7.29 -16.42
C LEU B 61 6.70 8.43 -15.81
N LEU B 62 7.09 8.94 -14.65
CA LEU B 62 6.36 10.08 -14.05
C LEU B 62 6.36 11.26 -14.99
N ALA B 63 7.48 11.53 -15.64
CA ALA B 63 7.57 12.69 -16.51
C ALA B 63 6.63 12.55 -17.71
N ALA B 64 6.62 11.38 -18.33
CA ALA B 64 5.72 11.15 -19.46
C ALA B 64 4.26 11.40 -18.99
N LEU B 65 3.92 10.92 -17.80
CA LEU B 65 2.56 11.03 -17.25
C LEU B 65 2.18 12.47 -16.90
N SER B 66 3.16 13.23 -16.43
CA SER B 66 2.97 14.62 -16.03
C SER B 66 2.56 15.53 -17.20
N ASP B 67 2.97 15.17 -18.41
CA ASP B 67 2.50 15.82 -19.61
C ASP B 67 1.06 15.63 -19.88
N GLY B 68 0.48 14.59 -19.29
CA GLY B 68 -0.91 14.31 -19.51
C GLY B 68 -1.10 13.02 -20.27
N SER B 69 -0.01 12.46 -20.78
CA SER B 69 -0.02 11.10 -21.33
C SER B 69 -0.77 10.04 -20.49
N ALA B 70 -1.45 9.13 -21.17
CA ALA B 70 -2.23 8.06 -20.54
C ALA B 70 -1.87 6.78 -21.23
N PHE B 71 -1.60 5.70 -20.48
CA PHE B 71 -1.18 4.43 -21.05
C PHE B 71 -2.09 3.24 -20.71
N ALA B 72 -2.00 2.19 -21.51
CA ALA B 72 -2.76 0.98 -21.24
C ALA B 72 -2.23 0.29 -19.98
N LEU B 73 -3.16 -0.12 -19.13
CA LEU B 73 -2.88 -0.76 -17.87
C LEU B 73 -3.72 -2.03 -17.78
N LEU B 74 -3.09 -3.16 -17.49
CA LEU B 74 -3.82 -4.37 -17.18
C LEU B 74 -3.63 -4.65 -15.72
N THR B 75 -4.71 -4.94 -15.03
CA THR B 75 -4.69 -5.15 -13.60
C THR B 75 -5.29 -6.51 -13.32
N LEU B 76 -4.53 -7.37 -12.64
CA LEU B 76 -5.04 -8.65 -12.19
C LEU B 76 -5.49 -8.45 -10.79
N TYR B 77 -6.70 -8.88 -10.50
CA TYR B 77 -7.19 -8.70 -9.18
C TYR B 77 -8.04 -9.86 -8.79
N SER B 78 -8.27 -9.91 -7.49
CA SER B 78 -8.93 -11.02 -6.87
C SER B 78 -10.40 -10.96 -7.26
N GLY B 79 -10.92 -12.00 -7.89
CA GLY B 79 -12.32 -12.01 -8.29
C GLY B 79 -13.32 -12.67 -7.33
N SER B 80 -13.00 -12.83 -6.06
CA SER B 80 -13.95 -13.44 -5.13
C SER B 80 -14.86 -12.39 -4.52
N ARG B 81 -16.16 -12.67 -4.44
CA ARG B 81 -17.14 -11.71 -3.89
C ARG B 81 -16.89 -11.42 -2.42
N PHE B 82 -16.15 -12.30 -1.74
CA PHE B 82 -15.81 -12.04 -0.34
C PHE B 82 -14.44 -11.46 -0.11
N SER B 83 -13.71 -11.12 -1.17
CA SER B 83 -12.40 -10.40 -1.03
C SER B 83 -12.62 -8.90 -1.26
N ARG B 84 -11.61 -8.07 -0.95
N ARG B 84 -11.63 -8.07 -0.95
CA ARG B 84 -11.71 -6.66 -1.28
CA ARG B 84 -11.74 -6.65 -1.29
C ARG B 84 -11.40 -6.44 -2.76
C ARG B 84 -11.35 -6.43 -2.75
N GLY B 85 -11.04 -7.51 -3.48
CA GLY B 85 -10.71 -7.39 -4.89
C GLY B 85 -9.40 -6.61 -5.07
N GLU B 86 -8.45 -6.86 -4.20
CA GLU B 86 -7.21 -6.14 -4.22
C GLU B 86 -6.36 -6.47 -5.44
N VAL B 87 -5.54 -5.53 -5.84
CA VAL B 87 -4.66 -5.69 -7.01
C VAL B 87 -3.58 -6.70 -6.65
N LEU B 88 -3.33 -7.65 -7.56
CA LEU B 88 -2.29 -8.67 -7.43
C LEU B 88 -1.08 -8.48 -8.33
N TYR B 89 -1.28 -7.75 -9.42
CA TYR B 89 -0.28 -7.48 -10.44
C TYR B 89 -0.79 -6.42 -11.39
N ARG B 90 0.10 -5.55 -11.84
CA ARG B 90 -0.25 -4.59 -12.88
C ARG B 90 0.81 -4.59 -13.95
N TYR B 91 0.37 -4.34 -15.16
CA TYR B 91 1.25 -4.38 -16.30
C TYR B 91 0.85 -3.29 -17.26
N SER B 92 1.84 -2.76 -17.96
CA SER B 92 1.62 -1.79 -18.98
C SER B 92 2.69 -1.89 -20.04
N ASN B 93 2.39 -1.31 -21.18
CA ASN B 93 3.37 -1.19 -22.24
C ASN B 93 3.82 0.24 -22.43
N ALA B 94 3.64 1.12 -21.45
CA ALA B 94 4.18 2.48 -21.63
C ALA B 94 5.54 2.36 -22.35
N GLY B 95 6.44 1.56 -21.79
CA GLY B 95 7.64 1.13 -22.50
C GLY B 95 8.49 2.28 -23.01
N ARG B 96 8.87 2.17 -24.28
CA ARG B 96 9.71 3.17 -24.97
C ARG B 96 9.01 4.49 -24.97
N ALA B 97 7.70 4.46 -25.21
CA ALA B 97 6.84 5.66 -25.10
C ALA B 97 7.27 6.47 -23.90
N ALA B 98 7.34 5.83 -22.72
CA ALA B 98 7.77 6.52 -21.49
C ALA B 98 9.28 6.70 -21.36
N GLY B 99 10.07 6.11 -22.26
CA GLY B 99 11.51 6.07 -22.06
C GLY B 99 12.00 5.09 -20.99
N ILE B 100 11.23 4.02 -20.75
CA ILE B 100 11.66 2.92 -19.90
C ILE B 100 12.79 2.15 -20.58
N GLN B 101 13.95 2.11 -19.93
CA GLN B 101 15.10 1.29 -20.36
C GLN B 101 14.95 -0.21 -20.06
N CYS B 102 14.33 -0.56 -18.94
N CYS B 102 14.31 -0.53 -18.95
CA CYS B 102 14.20 -1.95 -18.56
CA CYS B 102 14.13 -1.91 -18.51
C CYS B 102 12.74 -2.34 -18.41
C CYS B 102 12.67 -2.27 -18.42
N ASN B 103 12.14 -2.81 -19.51
CA ASN B 103 10.75 -3.23 -19.47
C ASN B 103 10.51 -4.49 -18.65
N ASP B 104 11.58 -5.22 -18.35
CA ASP B 104 11.57 -6.28 -17.37
C ASP B 104 10.95 -5.85 -16.04
N PHE B 105 11.10 -4.57 -15.70
CA PHE B 105 10.74 -4.09 -14.37
C PHE B 105 9.44 -3.29 -14.29
N ILE B 106 8.64 -3.31 -15.38
CA ILE B 106 7.47 -2.46 -15.43
C ILE B 106 6.50 -2.77 -14.26
N ALA B 107 6.29 -4.04 -13.93
CA ALA B 107 5.32 -4.39 -12.89
C ALA B 107 5.77 -3.85 -11.51
N LEU B 108 7.08 -3.91 -11.28
CA LEU B 108 7.70 -3.39 -10.08
C LEU B 108 7.55 -1.87 -10.03
N TYR B 109 7.70 -1.22 -11.17
CA TYR B 109 7.60 0.25 -11.21
C TYR B 109 6.17 0.66 -10.93
N LEU B 110 5.22 -0.04 -11.53
CA LEU B 110 3.84 0.32 -11.36
C LEU B 110 3.42 0.10 -9.91
N ASN B 111 3.81 -1.03 -9.32
CA ASN B 111 3.58 -1.32 -7.89
C ASN B 111 4.04 -0.17 -7.00
N HIS B 112 5.24 0.34 -7.29
CA HIS B 112 5.79 1.41 -6.49
C HIS B 112 5.05 2.71 -6.74
N LEU B 113 4.78 3.05 -8.00
CA LEU B 113 4.12 4.32 -8.25
C LEU B 113 2.72 4.34 -7.64
N PHE B 114 1.99 3.22 -7.71
CA PHE B 114 0.67 3.15 -7.08
C PHE B 114 0.76 3.17 -5.54
N ALA B 115 1.72 2.44 -4.97
CA ALA B 115 1.85 2.40 -3.51
C ALA B 115 2.09 3.83 -2.99
N GLN B 116 2.89 4.58 -3.73
CA GLN B 116 3.26 5.95 -3.34
C GLN B 116 2.16 6.96 -3.72
N GLY B 117 1.04 6.48 -4.28
CA GLY B 117 -0.12 7.35 -4.63
C GLY B 117 0.13 8.34 -5.75
N LEU B 118 1.11 8.06 -6.60
CA LEU B 118 1.61 9.02 -7.60
C LEU B 118 0.94 8.91 -8.95
N VAL B 119 0.20 7.82 -9.13
CA VAL B 119 -0.54 7.56 -10.35
C VAL B 119 -1.92 7.01 -9.96
N ILE B 120 -2.84 7.03 -10.89
CA ILE B 120 -4.18 6.50 -10.70
C ILE B 120 -4.50 5.56 -11.84
N ALA B 121 -5.51 4.71 -11.64
CA ALA B 121 -6.09 3.89 -12.71
C ALA B 121 -7.47 4.40 -13.05
N SER B 122 -7.70 4.88 -14.25
CA SER B 122 -9.05 5.24 -14.64
C SER B 122 -9.56 4.16 -15.58
N ASP B 123 -10.78 4.37 -16.06
CA ASP B 123 -11.49 3.42 -16.93
C ASP B 123 -10.79 3.11 -18.22
N PHE B 124 -11.18 1.97 -18.77
CA PHE B 124 -10.85 1.54 -20.13
C PHE B 124 -10.96 2.69 -21.15
N THR B 125 -9.94 2.89 -21.95
CA THR B 125 -9.94 3.90 -23.00
C THR B 125 -10.04 3.21 -24.37
N GLU B 126 -11.10 3.50 -25.13
CA GLU B 126 -11.30 2.84 -26.43
C GLU B 126 -10.08 3.01 -27.32
N SER B 127 -9.52 4.20 -27.28
CA SER B 127 -8.31 4.55 -28.02
C SER B 127 -7.14 3.56 -27.84
N LEU B 128 -7.06 2.93 -26.67
CA LEU B 128 -5.96 2.06 -26.33
C LEU B 128 -6.26 0.56 -26.55
N ARG B 129 -7.41 0.25 -27.15
CA ARG B 129 -7.83 -1.15 -27.37
C ARG B 129 -6.69 -2.06 -27.84
N THR B 130 -5.93 -1.63 -28.85
CA THR B 130 -4.87 -2.45 -29.42
C THR B 130 -3.74 -2.70 -28.41
N ASP B 131 -3.40 -1.65 -27.68
CA ASP B 131 -2.45 -1.76 -26.60
C ASP B 131 -2.90 -2.82 -25.57
N TYR B 132 -4.19 -2.83 -25.21
CA TYR B 132 -4.70 -3.82 -24.25
C TYR B 132 -4.49 -5.24 -24.78
N GLU B 133 -4.78 -5.41 -26.07
CA GLU B 133 -4.60 -6.72 -26.72
C GLU B 133 -3.16 -7.14 -26.73
N LEU B 134 -2.29 -6.16 -26.97
CA LEU B 134 -0.87 -6.41 -26.98
C LEU B 134 -0.40 -6.80 -25.58
N CYS B 135 -0.70 -5.98 -24.58
CA CYS B 135 -0.31 -6.32 -23.20
C CYS B 135 -0.76 -7.71 -22.78
N GLU B 136 -1.96 -8.09 -23.18
CA GLU B 136 -2.56 -9.32 -22.72
C GLU B 136 -1.75 -10.51 -23.20
N GLY B 137 -1.10 -10.35 -24.33
CA GLY B 137 -0.27 -11.39 -24.88
C GLY B 137 1.18 -11.41 -24.45
N ASP B 138 1.69 -10.32 -23.87
CA ASP B 138 3.09 -10.31 -23.43
C ASP B 138 3.43 -11.38 -22.41
N SER B 139 4.63 -11.93 -22.54
CA SER B 139 5.17 -13.01 -21.72
C SER B 139 5.07 -12.76 -20.24
N ASP B 140 5.55 -11.61 -19.80
CA ASP B 140 5.62 -11.36 -18.37
C ASP B 140 4.24 -11.32 -17.78
N PHE B 141 3.34 -10.72 -18.53
CA PHE B 141 1.97 -10.65 -18.11
C PHE B 141 1.38 -12.04 -18.02
N ARG B 142 1.54 -12.83 -19.07
CA ARG B 142 0.89 -14.13 -19.07
C ARG B 142 1.48 -15.08 -18.01
N LYS B 143 2.77 -14.93 -17.71
CA LYS B 143 3.40 -15.71 -16.66
C LYS B 143 2.86 -15.37 -15.27
N ALA B 144 2.76 -14.10 -14.96
CA ALA B 144 2.22 -13.65 -13.69
C ALA B 144 0.77 -14.15 -13.60
N GLN B 145 0.04 -13.99 -14.68
CA GLN B 145 -1.33 -14.41 -14.73
C GLN B 145 -1.44 -15.90 -14.44
N ALA B 146 -0.58 -16.71 -15.06
CA ALA B 146 -0.61 -18.14 -14.84
C ALA B 146 -0.18 -18.52 -13.41
N GLU B 147 0.84 -17.85 -12.87
CA GLU B 147 1.22 -18.09 -11.48
C GLU B 147 0.02 -17.89 -10.55
N LEU B 148 -0.63 -16.74 -10.73
CA LEU B 148 -1.68 -16.32 -9.81
C LEU B 148 -2.92 -17.20 -9.92
N GLN B 149 -3.18 -17.64 -11.16
CA GLN B 149 -4.36 -18.40 -11.47
C GLN B 149 -4.43 -19.73 -10.68
N ILE B 150 -3.29 -20.39 -10.52
CA ILE B 150 -3.21 -21.61 -9.70
C ILE B 150 -3.87 -21.43 -8.34
N HIS B 151 -3.63 -20.31 -7.69
CA HIS B 151 -4.07 -20.15 -6.32
C HIS B 151 -5.30 -19.24 -6.20
N LEU B 152 -5.62 -18.52 -7.27
CA LEU B 152 -6.75 -17.60 -7.25
C LEU B 152 -7.63 -17.92 -8.41
N PRO B 153 -8.48 -18.94 -8.26
CA PRO B 153 -9.22 -19.39 -9.41
C PRO B 153 -10.20 -18.34 -9.97
N LYS B 154 -10.79 -17.50 -9.13
CA LYS B 154 -11.59 -16.40 -9.68
C LYS B 154 -10.74 -15.18 -10.03
N LEU B 155 -9.49 -15.37 -10.40
CA LEU B 155 -8.61 -14.26 -10.80
C LEU B 155 -9.26 -13.45 -11.92
N SER B 156 -9.43 -12.15 -11.72
CA SER B 156 -10.03 -11.30 -12.74
C SER B 156 -9.04 -10.33 -13.37
N ILE B 157 -9.36 -9.87 -14.57
CA ILE B 157 -8.55 -8.88 -15.26
C ILE B 157 -9.40 -7.66 -15.60
N ARG B 158 -8.82 -6.48 -15.38
CA ARG B 158 -9.49 -5.19 -15.56
C ARG B 158 -8.54 -4.47 -16.51
N ARG B 159 -9.06 -3.95 -17.62
CA ARG B 159 -8.33 -3.03 -18.52
C ARG B 159 -8.62 -1.61 -18.08
N GLU B 160 -7.57 -0.87 -17.79
CA GLU B 160 -7.70 0.45 -17.19
C GLU B 160 -6.75 1.38 -17.89
N THR B 161 -6.72 2.64 -17.46
CA THR B 161 -5.83 3.64 -18.03
C THR B 161 -5.01 4.26 -16.93
N LEU B 162 -3.69 4.29 -17.16
CA LEU B 162 -2.71 4.82 -16.27
C LEU B 162 -2.50 6.30 -16.54
N ARG B 163 -2.60 7.09 -15.48
CA ARG B 163 -2.43 8.55 -15.54
C ARG B 163 -1.76 8.98 -14.28
N ILE B 164 -1.28 10.21 -14.29
CA ILE B 164 -0.65 10.76 -13.11
C ILE B 164 -1.75 11.10 -12.13
N SER B 165 -1.43 11.13 -10.85
CA SER B 165 -2.37 11.56 -9.83
C SER B 165 -1.99 12.95 -9.36
N PRO B 166 -2.85 13.59 -8.56
CA PRO B 166 -2.43 14.92 -8.06
C PRO B 166 -1.13 14.83 -7.23
N LEU B 167 -0.95 13.73 -6.50
CA LEU B 167 0.26 13.57 -5.68
C LEU B 167 1.46 13.42 -6.58
N GLY B 168 1.29 12.69 -7.68
CA GLY B 168 2.36 12.57 -8.65
C GLY B 168 2.76 13.90 -9.29
N ARG B 169 1.79 14.71 -9.63
CA ARG B 169 2.09 16.01 -10.17
C ARG B 169 2.87 16.84 -9.18
N GLN B 170 2.38 16.88 -7.95
CA GLN B 170 3.01 17.67 -6.90
C GLN B 170 4.44 17.22 -6.66
N LEU B 171 4.65 15.92 -6.49
CA LEU B 171 5.99 15.41 -6.16
C LEU B 171 6.94 15.70 -7.32
N TRP B 172 6.47 15.43 -8.53
CA TRP B 172 7.31 15.56 -9.69
C TRP B 172 7.72 17.01 -9.84
N THR B 173 6.77 17.93 -9.59
CA THR B 173 7.10 19.36 -9.55
C THR B 173 8.16 19.65 -8.48
N LEU B 174 7.99 19.13 -7.27
CA LEU B 174 9.00 19.36 -6.22
C LEU B 174 10.36 18.83 -6.64
N THR B 176 11.56 18.44 -9.59
CA THR B 176 12.14 19.12 -10.72
C THR B 176 12.06 20.60 -10.42
N GLU C 36 20.70 9.23 -15.90
CA GLU C 36 22.10 8.71 -15.68
C GLU C 36 22.21 7.30 -15.04
N GLN C 37 21.19 6.86 -14.29
CA GLN C 37 21.22 5.53 -13.67
C GLN C 37 21.32 4.38 -14.69
N SER C 38 22.22 3.43 -14.43
CA SER C 38 22.41 2.27 -15.28
C SER C 38 21.44 1.17 -14.88
N VAL C 39 21.35 0.14 -15.71
CA VAL C 39 20.45 -0.97 -15.46
C VAL C 39 20.90 -1.74 -14.23
N PRO C 40 22.21 -2.06 -14.12
CA PRO C 40 22.58 -2.74 -12.90
C PRO C 40 22.26 -1.89 -11.65
N GLN C 41 22.46 -0.57 -11.71
CA GLN C 41 22.09 0.27 -10.57
C GLN C 41 20.59 0.29 -10.30
N ALA C 42 19.76 0.24 -11.35
CA ALA C 42 18.31 0.18 -11.15
C ALA C 42 17.94 -1.14 -10.42
N GLN C 43 18.48 -2.25 -10.91
CA GLN C 43 18.29 -3.53 -10.29
C GLN C 43 18.71 -3.56 -8.80
N THR C 44 19.88 -3.03 -8.51
CA THR C 44 20.36 -2.91 -7.12
C THR C 44 19.45 -2.03 -6.30
N LEU C 46 16.27 -1.51 -6.84
CA LEU C 46 15.00 -2.26 -6.60
C LEU C 46 15.12 -3.29 -5.48
N VAL C 47 16.18 -4.08 -5.54
CA VAL C 47 16.41 -5.08 -4.52
C VAL C 47 16.59 -4.42 -3.15
N GLU C 48 17.37 -3.37 -3.13
CA GLU C 48 17.66 -2.71 -1.89
C GLU C 48 16.36 -2.13 -1.32
N ARG C 49 15.60 -1.43 -2.15
CA ARG C 49 14.49 -0.69 -1.57
C ARG C 49 13.41 -1.67 -1.06
N HIS C 50 13.28 -2.84 -1.68
CA HIS C 50 12.26 -3.79 -1.24
C HIS C 50 12.75 -4.78 -0.16
N LEU C 51 14.03 -5.13 -0.20
CA LEU C 51 14.50 -6.26 0.62
C LEU C 51 15.51 -5.92 1.71
N ALA C 52 16.17 -4.76 1.63
CA ALA C 52 17.29 -4.46 2.53
C ALA C 52 16.85 -4.27 3.99
N SER C 53 15.65 -3.85 4.25
CA SER C 53 15.40 -3.59 5.67
C SER C 53 14.76 -4.79 6.45
N LEU C 54 14.81 -6.01 5.91
CA LEU C 54 14.09 -7.14 6.54
C LEU C 54 14.75 -7.54 7.83
N THR C 55 13.98 -7.85 8.87
CA THR C 55 14.51 -8.57 10.03
C THR C 55 14.90 -9.98 9.65
N GLY C 56 15.65 -10.62 10.53
CA GLY C 56 15.97 -12.06 10.44
C GLY C 56 14.72 -12.92 10.25
N ASP C 57 13.69 -12.66 11.08
CA ASP C 57 12.41 -13.37 10.98
C ASP C 57 11.75 -13.21 9.59
N GLU C 58 11.77 -12.00 9.05
CA GLU C 58 11.11 -11.71 7.78
C GLU C 58 11.90 -12.37 6.65
N ALA C 59 13.23 -12.31 6.72
CA ALA C 59 14.08 -12.92 5.71
C ALA C 59 13.83 -14.43 5.69
N ARG C 60 13.68 -15.03 6.85
CA ARG C 60 13.41 -16.46 6.92
C ARG C 60 11.99 -16.82 6.38
N LEU C 61 10.98 -16.06 6.80
CA LEU C 61 9.64 -16.23 6.28
C LEU C 61 9.63 -16.05 4.74
N LEU C 62 10.25 -15.00 4.22
CA LEU C 62 10.24 -14.80 2.79
C LEU C 62 10.96 -15.95 2.03
N ALA C 63 12.07 -16.44 2.60
CA ALA C 63 12.76 -17.58 2.05
C ALA C 63 11.83 -18.79 1.99
N ALA C 64 11.11 -19.05 3.07
CA ALA C 64 10.16 -20.15 3.09
C ALA C 64 9.12 -19.94 1.99
N LEU C 65 8.58 -18.71 1.90
CA LEU C 65 7.59 -18.42 0.85
C LEU C 65 8.17 -18.58 -0.55
N SER C 66 9.46 -18.27 -0.71
CA SER C 66 10.09 -18.38 -2.02
C SER C 66 10.25 -19.83 -2.40
N ASP C 67 10.28 -20.76 -1.44
CA ASP C 67 10.30 -22.19 -1.76
C ASP C 67 8.96 -22.70 -2.28
N GLY C 68 7.95 -21.86 -2.18
CA GLY C 68 6.60 -22.23 -2.53
C GLY C 68 5.68 -22.52 -1.35
N SER C 69 6.20 -22.48 -0.14
CA SER C 69 5.38 -22.74 1.04
C SER C 69 4.34 -21.63 1.25
N ALA C 70 3.21 -22.03 1.80
CA ALA C 70 2.14 -21.15 2.14
C ALA C 70 1.76 -21.33 3.61
N PHE C 71 1.22 -20.29 4.22
CA PHE C 71 0.82 -20.28 5.61
C PHE C 71 -0.57 -19.61 5.80
N ALA C 72 -1.18 -19.89 6.95
CA ALA C 72 -2.48 -19.37 7.32
C ALA C 72 -2.36 -17.88 7.52
N LEU C 73 -3.37 -17.15 7.05
CA LEU C 73 -3.47 -15.70 7.22
C LEU C 73 -4.88 -15.36 7.67
N LEU C 74 -4.97 -14.54 8.70
CA LEU C 74 -6.22 -14.04 9.23
C LEU C 74 -6.15 -12.53 9.06
N THR C 75 -7.06 -11.98 8.26
CA THR C 75 -7.09 -10.55 7.98
C THR C 75 -8.36 -9.88 8.47
N LEU C 76 -8.21 -8.75 9.12
CA LEU C 76 -9.33 -7.95 9.61
C LEU C 76 -9.54 -6.80 8.63
N TYR C 77 -10.79 -6.69 8.20
CA TYR C 77 -11.21 -5.74 7.19
C TYR C 77 -12.18 -4.76 7.81
N SER C 78 -12.17 -3.54 7.32
CA SER C 78 -12.95 -2.48 7.89
C SER C 78 -14.45 -2.69 7.60
N GLY C 79 -14.78 -3.37 6.50
CA GLY C 79 -16.19 -3.60 6.20
C GLY C 79 -16.57 -5.06 6.20
N SER C 80 -17.82 -5.34 5.88
N SER C 80 -17.81 -5.29 5.78
CA SER C 80 -18.30 -6.71 5.92
CA SER C 80 -18.46 -6.59 5.72
C SER C 80 -18.02 -7.41 4.60
C SER C 80 -17.96 -7.42 4.56
N ARG C 81 -18.36 -8.69 4.54
CA ARG C 81 -17.87 -9.62 3.51
C ARG C 81 -18.20 -9.20 2.08
N PHE C 82 -19.29 -8.47 1.90
CA PHE C 82 -19.68 -8.00 0.58
C PHE C 82 -19.10 -6.64 0.26
N SER C 83 -18.47 -6.00 1.24
CA SER C 83 -17.81 -4.72 1.02
C SER C 83 -16.66 -4.51 2.02
N ARG C 84 -15.58 -5.24 1.80
CA ARG C 84 -14.55 -5.42 2.80
C ARG C 84 -13.83 -4.14 3.17
N GLY C 85 -13.72 -3.22 2.23
CA GLY C 85 -13.04 -1.92 2.48
C GLY C 85 -11.54 -2.10 2.63
N GLU C 86 -10.97 -1.65 3.74
CA GLU C 86 -9.53 -1.62 3.93
C GLU C 86 -9.08 -2.66 4.92
N VAL C 87 -7.86 -3.15 4.65
CA VAL C 87 -7.15 -4.02 5.55
C VAL C 87 -6.69 -3.29 6.81
N LEU C 88 -7.06 -3.80 7.97
CA LEU C 88 -6.76 -3.18 9.21
C LEU C 88 -5.72 -3.92 9.99
N TYR C 89 -5.50 -5.20 9.72
CA TYR C 89 -4.59 -6.02 10.55
C TYR C 89 -4.49 -7.37 9.92
N ARG C 90 -3.31 -7.97 9.98
N ARG C 90 -3.31 -7.97 9.99
CA ARG C 90 -3.08 -9.30 9.45
CA ARG C 90 -3.10 -9.30 9.49
C ARG C 90 -2.32 -10.11 10.49
C ARG C 90 -2.33 -10.11 10.51
N TYR C 91 -2.67 -11.38 10.63
CA TYR C 91 -2.06 -12.25 11.60
C TYR C 91 -1.83 -13.62 11.00
N SER C 92 -0.73 -14.24 11.39
CA SER C 92 -0.40 -15.60 10.98
C SER C 92 0.24 -16.33 12.12
N ASN C 93 -0.02 -17.62 12.23
CA ASN C 93 0.68 -18.45 13.19
C ASN C 93 1.90 -19.10 12.55
N ALA C 94 2.37 -18.58 11.40
CA ALA C 94 3.49 -19.19 10.69
C ALA C 94 4.56 -19.76 11.66
N GLY C 95 4.98 -18.96 12.64
CA GLY C 95 5.86 -19.44 13.73
C GLY C 95 7.15 -20.12 13.29
N ARG C 96 7.52 -21.19 13.99
CA ARG C 96 8.81 -21.86 13.78
C ARG C 96 8.97 -22.41 12.37
N ALA C 97 7.89 -22.98 11.81
CA ALA C 97 7.87 -23.53 10.43
C ALA C 97 8.24 -22.48 9.38
N ALA C 98 7.98 -21.21 9.70
CA ALA C 98 8.33 -20.12 8.80
C ALA C 98 9.58 -19.42 9.29
N GLY C 99 10.18 -19.92 10.36
CA GLY C 99 11.41 -19.34 10.86
C GLY C 99 11.24 -18.12 11.77
N ILE C 100 10.04 -17.89 12.30
CA ILE C 100 9.81 -16.72 13.14
C ILE C 100 10.23 -17.02 14.59
N GLN C 101 11.26 -16.33 15.07
CA GLN C 101 11.65 -16.25 16.51
C GLN C 101 10.64 -15.42 17.36
N CYS C 102 10.26 -14.26 16.82
CA CYS C 102 9.46 -13.27 17.57
C CYS C 102 8.03 -13.20 17.12
N ASN C 103 7.22 -14.12 17.65
CA ASN C 103 5.78 -14.10 17.40
C ASN C 103 5.11 -12.74 17.74
N ASP C 104 5.71 -11.95 18.65
CA ASP C 104 5.14 -10.65 18.99
C ASP C 104 4.99 -9.69 17.79
N PHE C 105 5.80 -9.84 16.77
CA PHE C 105 5.86 -8.86 15.69
C PHE C 105 5.25 -9.34 14.40
N ILE C 106 4.52 -10.44 14.41
CA ILE C 106 4.01 -11.04 13.17
C ILE C 106 3.10 -10.08 12.41
N ALA C 107 2.26 -9.30 13.10
CA ALA C 107 1.40 -8.35 12.38
C ALA C 107 2.24 -7.24 11.76
N LEU C 108 3.27 -6.83 12.46
CA LEU C 108 4.18 -5.82 11.90
C LEU C 108 4.92 -6.36 10.68
N TYR C 109 5.36 -7.60 10.77
CA TYR C 109 6.11 -8.22 9.66
C TYR C 109 5.27 -8.38 8.43
N LEU C 110 4.03 -8.84 8.62
CA LEU C 110 3.10 -9.00 7.48
C LEU C 110 2.76 -7.65 6.89
N ASN C 111 2.54 -6.66 7.76
CA ASN C 111 2.27 -5.30 7.31
C ASN C 111 3.38 -4.82 6.35
N HIS C 112 4.62 -4.98 6.79
CA HIS C 112 5.79 -4.63 5.98
C HIS C 112 5.91 -5.41 4.66
N LEU C 113 5.69 -6.71 4.73
CA LEU C 113 5.88 -7.55 3.56
C LEU C 113 4.81 -7.25 2.52
N PHE C 114 3.59 -6.98 2.95
CA PHE C 114 2.55 -6.54 2.00
C PHE C 114 2.83 -5.14 1.41
N ALA C 115 3.29 -4.24 2.26
CA ALA C 115 3.60 -2.87 1.85
C ALA C 115 4.69 -2.85 0.82
N GLN C 116 5.62 -3.79 0.92
CA GLN C 116 6.67 -3.91 -0.04
C GLN C 116 6.28 -4.75 -1.28
N GLY C 117 5.02 -5.18 -1.36
CA GLY C 117 4.55 -5.93 -2.51
C GLY C 117 5.09 -7.33 -2.68
N LEU C 118 5.62 -7.88 -1.60
CA LEU C 118 6.42 -9.12 -1.63
C LEU C 118 5.59 -10.40 -1.53
N VAL C 119 4.36 -10.25 -1.04
CA VAL C 119 3.47 -11.35 -0.72
C VAL C 119 2.03 -11.02 -1.15
N ILE C 120 1.22 -12.03 -1.30
CA ILE C 120 -0.22 -11.87 -1.57
C ILE C 120 -1.02 -12.69 -0.57
N ALA C 121 -2.30 -12.38 -0.47
CA ALA C 121 -3.25 -13.14 0.32
C ALA C 121 -4.09 -13.87 -0.71
N SER C 122 -4.01 -15.19 -0.77
CA SER C 122 -4.92 -15.93 -1.62
C SER C 122 -6.03 -16.48 -0.76
N ASP C 123 -6.91 -17.24 -1.41
CA ASP C 123 -8.14 -17.71 -0.80
C ASP C 123 -7.83 -18.70 0.33
N PHE C 124 -8.83 -18.91 1.19
CA PHE C 124 -8.87 -19.98 2.15
C PHE C 124 -8.34 -21.30 1.57
N THR C 125 -7.48 -21.99 2.33
CA THR C 125 -7.05 -23.34 1.98
C THR C 125 -7.51 -24.27 3.06
N GLU C 126 -8.30 -25.23 2.65
CA GLU C 126 -8.87 -26.25 3.53
C GLU C 126 -7.78 -26.90 4.35
N SER C 127 -6.64 -27.17 3.71
CA SER C 127 -5.60 -27.92 4.40
C SER C 127 -4.95 -27.08 5.48
N LEU C 128 -5.25 -25.79 5.55
CA LEU C 128 -4.75 -24.96 6.62
C LEU C 128 -5.73 -24.84 7.79
N ARG C 129 -6.80 -25.63 7.75
CA ARG C 129 -7.90 -25.55 8.71
C ARG C 129 -7.47 -25.35 10.17
N THR C 130 -6.66 -26.26 10.66
CA THR C 130 -6.32 -26.26 12.06
C THR C 130 -5.46 -25.01 12.41
N ASP C 131 -4.70 -24.49 11.44
CA ASP C 131 -3.94 -23.25 11.68
C ASP C 131 -4.83 -22.01 11.80
N TYR C 132 -5.88 -21.93 11.00
CA TYR C 132 -6.82 -20.81 11.14
C TYR C 132 -7.43 -20.81 12.54
N GLU C 133 -7.74 -22.01 13.06
CA GLU C 133 -8.27 -22.10 14.42
C GLU C 133 -7.28 -21.57 15.41
N LEU C 134 -6.03 -22.00 15.29
CA LEU C 134 -4.96 -21.44 16.12
C LEU C 134 -4.91 -19.89 15.99
N CYS C 135 -4.92 -19.37 14.78
CA CYS C 135 -4.86 -17.90 14.66
C CYS C 135 -6.00 -17.21 15.39
N GLU C 136 -7.22 -17.74 15.23
CA GLU C 136 -8.44 -17.09 15.72
C GLU C 136 -8.42 -17.11 17.24
N GLY C 137 -7.74 -18.10 17.80
CA GLY C 137 -7.61 -18.22 19.22
C GLY C 137 -6.58 -17.30 19.81
N ASP C 138 -5.69 -16.77 18.99
CA ASP C 138 -4.56 -16.03 19.53
C ASP C 138 -4.94 -14.75 20.24
N SER C 139 -4.26 -14.53 21.37
CA SER C 139 -4.51 -13.40 22.25
C SER C 139 -4.27 -12.03 21.60
N ASP C 140 -3.14 -11.89 20.95
CA ASP C 140 -2.83 -10.63 20.25
C ASP C 140 -3.82 -10.31 19.14
N PHE C 141 -4.20 -11.33 18.38
CA PHE C 141 -5.19 -11.14 17.33
C PHE C 141 -6.51 -10.59 17.92
N ARG C 142 -6.99 -11.27 18.95
N ARG C 142 -7.02 -11.25 18.94
CA ARG C 142 -8.25 -10.93 19.58
CA ARG C 142 -8.31 -10.86 19.48
C ARG C 142 -8.26 -9.51 20.15
C ARG C 142 -8.28 -9.48 20.16
N LYS C 143 -7.15 -9.10 20.77
CA LYS C 143 -7.00 -7.75 21.30
C LYS C 143 -7.07 -6.68 20.20
N ALA C 144 -6.40 -6.97 19.07
CA ALA C 144 -6.34 -6.04 17.94
C ALA C 144 -7.75 -5.89 17.41
N GLN C 145 -8.43 -7.03 17.27
CA GLN C 145 -9.84 -7.04 16.88
C GLN C 145 -10.71 -6.18 17.81
N ALA C 146 -10.57 -6.34 19.12
CA ALA C 146 -11.41 -5.58 20.04
C ALA C 146 -11.12 -4.10 19.95
N GLU C 147 -9.85 -3.74 19.85
CA GLU C 147 -9.50 -2.32 19.71
C GLU C 147 -10.19 -1.77 18.48
N LEU C 148 -10.07 -2.49 17.37
CA LEU C 148 -10.57 -1.98 16.12
C LEU C 148 -12.09 -1.88 16.15
N GLN C 149 -12.71 -2.84 16.81
CA GLN C 149 -14.18 -2.87 16.89
C GLN C 149 -14.78 -1.64 17.54
N ILE C 150 -14.05 -1.05 18.45
CA ILE C 150 -14.57 0.14 19.10
C ILE C 150 -15.02 1.16 18.08
N HIS C 151 -14.24 1.35 17.02
CA HIS C 151 -14.51 2.40 16.07
C HIS C 151 -14.96 1.92 14.70
N LEU C 152 -14.80 0.62 14.41
CA LEU C 152 -15.24 0.03 13.15
C LEU C 152 -16.10 -1.22 13.44
N PRO C 153 -17.37 -0.98 13.72
CA PRO C 153 -18.23 -2.09 14.15
C PRO C 153 -18.68 -3.04 13.06
N LYS C 154 -18.54 -2.67 11.79
CA LYS C 154 -18.82 -3.58 10.64
C LYS C 154 -17.62 -4.45 10.28
N LEU C 155 -16.56 -4.33 11.05
CA LEU C 155 -15.31 -5.09 10.87
C LEU C 155 -15.51 -6.61 10.63
N SER C 156 -14.79 -7.18 9.68
CA SER C 156 -14.94 -8.61 9.40
C SER C 156 -13.57 -9.33 9.37
N ILE C 157 -13.61 -10.64 9.49
CA ILE C 157 -12.43 -11.50 9.49
C ILE C 157 -12.51 -12.32 8.24
N ARG C 158 -11.41 -12.42 7.52
CA ARG C 158 -11.31 -13.35 6.41
C ARG C 158 -10.12 -14.29 6.60
N ARG C 159 -10.38 -15.57 6.41
CA ARG C 159 -9.36 -16.60 6.34
C ARG C 159 -8.71 -16.59 4.96
N GLU C 160 -7.39 -16.43 4.92
CA GLU C 160 -6.67 -16.31 3.65
C GLU C 160 -5.41 -17.18 3.68
N THR C 161 -4.62 -17.12 2.60
CA THR C 161 -3.41 -17.96 2.54
C THR C 161 -2.27 -17.03 2.08
N LEU C 162 -1.21 -16.97 2.88
CA LEU C 162 -0.06 -16.15 2.60
C LEU C 162 0.86 -16.89 1.64
N ARG C 163 1.23 -16.25 0.54
CA ARG C 163 2.19 -16.78 -0.43
C ARG C 163 3.01 -15.67 -0.96
N ILE C 164 4.13 -16.01 -1.59
CA ILE C 164 4.96 -15.02 -2.26
C ILE C 164 4.20 -14.44 -3.46
N SER C 165 4.35 -13.15 -3.69
CA SER C 165 3.76 -12.52 -4.86
C SER C 165 4.66 -12.70 -6.11
N PRO C 166 4.15 -12.42 -7.31
CA PRO C 166 4.99 -12.40 -8.52
C PRO C 166 6.18 -11.41 -8.43
N LEU C 167 5.95 -10.26 -7.85
CA LEU C 167 7.03 -9.29 -7.59
C LEU C 167 8.03 -9.79 -6.56
N GLY C 168 7.54 -10.39 -5.49
CA GLY C 168 8.42 -11.05 -4.52
C GLY C 168 9.31 -12.10 -5.20
N ARG C 169 8.73 -12.94 -6.06
CA ARG C 169 9.54 -13.94 -6.78
C ARG C 169 10.56 -13.28 -7.70
N GLN C 170 10.16 -12.25 -8.43
CA GLN C 170 11.13 -11.56 -9.30
C GLN C 170 12.25 -10.95 -8.46
N LEU C 171 11.90 -10.31 -7.35
CA LEU C 171 12.92 -9.64 -6.58
C LEU C 171 13.88 -10.67 -5.96
N TRP C 172 13.33 -11.81 -5.52
CA TRP C 172 14.17 -12.87 -4.98
C TRP C 172 15.23 -13.25 -5.98
N THR C 173 14.80 -13.49 -7.19
CA THR C 173 15.68 -13.90 -8.28
C THR C 173 16.70 -12.84 -8.63
N LEU C 174 16.29 -11.59 -8.69
CA LEU C 174 17.20 -10.48 -8.89
C LEU C 174 18.23 -10.46 -7.78
N THR C 176 19.26 -12.95 -5.81
CA THR C 176 20.14 -14.13 -5.81
C THR C 176 21.08 -14.19 -7.01
N THR C 177 21.03 -13.24 -7.95
CA THR C 177 22.00 -13.26 -9.07
C THR C 177 23.46 -13.24 -8.57
#